data_7CD6
#
_entry.id   7CD6
#
_cell.length_a   124.650
_cell.length_b   124.650
_cell.length_c   138.467
_cell.angle_alpha   90.000
_cell.angle_beta   90.000
_cell.angle_gamma   120.000
#
_symmetry.space_group_name_H-M   'P 63 2 2'
#
loop_
_entity.id
_entity.type
_entity.pdbx_description
1 polymer 'DNA-(apurinic or apyrimidinic site) endonuclease'
2 polymer "DNA (5'-D(*GP*CP*GP*TP*AP*AP*TP*AP*C)-3')"
3 water water
#
loop_
_entity_poly.entity_id
_entity_poly.type
_entity_poly.pdbx_seq_one_letter_code
_entity_poly.pdbx_strand_id
1 'polypeptide(L)'
;MGSSHHHHHHSSGLVPRGSHMKTEKEAAGEGPVLYEDPPDQKTSPSGKSATLKICSWNVDGLRAWIKKKGLDWVKEEAPD
ILCLQETKCSENKLPAELQELPGLTHQYWSAPSDKEGYSGVGLLSRQCPLKVSYGIGEEEHDQEGRVIVAEFESFVLVTA
YVPNAGRGLVRLEYRQRWDEAFRKFLKDLASRKPLVLCGDLNVAHEEIDLRNPKGNKKNAGFTPQERQGFGELLQAVPLA
DSFRHLYPNTAYAYTFWTYMMNARSKNVGWRLDYFLLSHSLLPALCDSKIRSKALGSDHCPITLYLAL
;
A
2 'polydeoxyribonucleotide' (DG)(DC)(DG)(DT)(DA)(DA)(DT)(DA)(DC) B
#
# COMPACT_ATOMS: atom_id res chain seq x y z
N PRO A 32 20.11 -12.36 11.13
CA PRO A 32 20.89 -12.47 9.90
C PRO A 32 21.16 -11.12 9.24
N VAL A 33 20.73 -10.99 7.98
CA VAL A 33 21.08 -9.81 7.19
C VAL A 33 20.19 -8.63 7.58
N LEU A 34 20.67 -7.43 7.27
CA LEU A 34 20.12 -6.20 7.82
C LEU A 34 19.76 -5.24 6.69
N TYR A 35 18.89 -4.30 7.02
CA TYR A 35 18.55 -3.21 6.11
C TYR A 35 18.33 -1.95 6.92
N GLU A 36 19.04 -0.88 6.57
CA GLU A 36 18.84 0.44 7.16
C GLU A 36 18.34 1.39 6.08
N ASP A 37 17.08 1.77 6.17
CA ASP A 37 16.48 2.69 5.19
C ASP A 37 17.28 4.00 5.15
N PRO A 38 17.68 4.46 3.97
CA PRO A 38 18.48 5.71 3.87
C PRO A 38 17.72 6.91 4.37
N PRO A 39 18.40 8.02 4.66
CA PRO A 39 17.70 9.23 5.09
C PRO A 39 16.82 9.80 4.00
N ASP A 40 15.78 10.51 4.43
CA ASP A 40 14.74 10.97 3.52
C ASP A 40 15.27 12.08 2.62
N GLN A 41 15.09 11.91 1.31
CA GLN A 41 15.43 12.93 0.32
C GLN A 41 14.16 13.70 -0.03
N LYS A 42 14.13 15.00 0.29
CA LYS A 42 12.93 15.82 0.11
C LYS A 42 13.08 16.82 -1.04
N THR A 43 13.91 16.51 -2.02
CA THR A 43 14.17 17.41 -3.14
C THR A 43 14.08 16.65 -4.44
N SER A 44 13.29 17.18 -5.38
CA SER A 44 13.10 16.57 -6.68
C SER A 44 14.41 16.55 -7.45
N PRO A 45 14.54 15.66 -8.43
CA PRO A 45 15.73 15.71 -9.30
C PRO A 45 15.92 17.06 -9.98
N SER A 46 14.83 17.76 -10.29
CA SER A 46 14.91 19.10 -10.87
C SER A 46 15.09 20.18 -9.81
N GLY A 47 15.47 19.83 -8.58
CA GLY A 47 15.64 20.79 -7.51
C GLY A 47 14.37 21.19 -6.79
N LYS A 48 13.23 20.67 -7.22
CA LYS A 48 11.94 21.07 -6.67
C LYS A 48 11.77 20.47 -5.27
N SER A 49 11.21 21.26 -4.36
CA SER A 49 11.08 20.87 -2.96
C SER A 49 9.77 20.09 -2.75
N ALA A 50 9.71 19.32 -1.66
CA ALA A 50 8.60 18.40 -1.45
C ALA A 50 7.35 19.12 -0.95
N THR A 51 6.21 18.79 -1.56
CA THR A 51 4.91 19.36 -1.23
C THR A 51 4.06 18.41 -0.41
N LEU A 52 3.95 17.18 -0.87
CA LEU A 52 3.01 16.19 -0.37
C LEU A 52 3.77 15.03 0.25
N LYS A 53 3.28 14.53 1.38
CA LYS A 53 3.88 13.39 2.06
C LYS A 53 2.77 12.37 2.32
N ILE A 54 2.77 11.30 1.54
CA ILE A 54 1.78 10.23 1.64
C ILE A 54 2.37 9.10 2.47
N CYS A 55 1.51 8.39 3.19
CA CYS A 55 1.95 7.28 4.02
C CYS A 55 0.94 6.15 3.92
N SER A 56 1.43 4.91 3.84
CA SER A 56 0.58 3.73 3.72
C SER A 56 1.01 2.70 4.76
N TRP A 57 0.05 1.98 5.32
CA TRP A 57 0.38 1.02 6.38
C TRP A 57 -0.72 -0.02 6.47
N ASN A 58 -0.35 -1.29 6.34
CA ASN A 58 -1.26 -2.38 6.57
C ASN A 58 -1.22 -2.66 8.08
N VAL A 59 -2.25 -2.22 8.79
CA VAL A 59 -2.22 -2.22 10.26
C VAL A 59 -2.62 -3.56 10.85
N ASP A 60 -3.20 -4.45 10.05
CA ASP A 60 -3.62 -5.78 10.46
C ASP A 60 -4.32 -5.75 11.83
N GLY A 61 -5.48 -5.10 11.82
CA GLY A 61 -6.22 -4.89 13.05
C GLY A 61 -6.09 -3.47 13.57
N LEU A 62 -6.93 -2.59 13.02
CA LEU A 62 -6.85 -1.17 13.36
C LEU A 62 -6.98 -0.93 14.86
N ARG A 63 -7.86 -1.68 15.54
CA ARG A 63 -8.10 -1.41 16.96
C ARG A 63 -6.91 -1.86 17.81
N ALA A 64 -6.36 -3.03 17.52
CA ALA A 64 -5.16 -3.47 18.21
C ALA A 64 -3.94 -2.66 17.78
N TRP A 65 -3.95 -2.15 16.55
CA TRP A 65 -2.90 -1.24 16.13
C TRP A 65 -2.94 0.05 16.94
N ILE A 66 -4.13 0.65 17.05
CA ILE A 66 -4.31 1.81 17.93
C ILE A 66 -3.83 1.47 19.33
N LYS A 67 -4.21 0.29 19.83
CA LYS A 67 -3.80 -0.14 21.16
C LYS A 67 -2.28 -0.31 21.25
N LYS A 68 -1.62 -0.64 20.14
CA LYS A 68 -0.17 -0.81 20.14
C LYS A 68 0.57 0.50 19.88
N LYS A 69 -0.05 1.64 20.22
CA LYS A 69 0.56 2.97 20.09
C LYS A 69 0.88 3.31 18.64
N GLY A 70 0.20 2.66 17.70
CA GLY A 70 0.44 2.92 16.29
C GLY A 70 0.09 4.35 15.88
N LEU A 71 -0.89 4.95 16.54
CA LEU A 71 -1.35 6.29 16.16
C LEU A 71 -0.41 7.38 16.66
N ASP A 72 0.31 7.13 17.75
CA ASP A 72 1.33 8.10 18.14
C ASP A 72 2.42 8.17 17.10
N TRP A 73 2.65 7.08 16.37
CA TRP A 73 3.68 7.09 15.34
C TRP A 73 3.29 8.00 14.18
N VAL A 74 2.05 7.87 13.68
CA VAL A 74 1.70 8.67 12.51
C VAL A 74 1.60 10.13 12.88
N LYS A 75 1.26 10.44 14.13
CA LYS A 75 1.31 11.83 14.58
C LYS A 75 2.72 12.42 14.42
N GLU A 76 3.75 11.58 14.59
CA GLU A 76 5.14 12.02 14.41
C GLU A 76 5.49 12.17 12.93
N GLU A 77 5.11 11.17 12.12
CA GLU A 77 5.39 11.22 10.70
C GLU A 77 4.73 12.43 10.04
N ALA A 78 3.58 12.86 10.55
CA ALA A 78 2.89 14.05 10.06
C ALA A 78 2.62 14.01 8.57
N PRO A 79 1.97 12.98 8.04
CA PRO A 79 1.75 12.88 6.60
C PRO A 79 0.52 13.66 6.15
N ASP A 80 0.57 14.11 4.90
CA ASP A 80 -0.56 14.81 4.31
C ASP A 80 -1.73 13.86 4.04
N ILE A 81 -1.42 12.59 3.77
CA ILE A 81 -2.43 11.56 3.52
C ILE A 81 -1.98 10.28 4.23
N LEU A 82 -2.95 9.53 4.74
CA LEU A 82 -2.70 8.28 5.44
C LEU A 82 -3.61 7.21 4.87
N CYS A 83 -3.02 6.11 4.38
CA CYS A 83 -3.78 5.00 3.82
C CYS A 83 -3.57 3.75 4.68
N LEU A 84 -4.67 3.16 5.13
CA LEU A 84 -4.64 2.00 6.00
C LEU A 84 -5.28 0.81 5.29
N GLN A 85 -4.69 -0.37 5.45
CA GLN A 85 -5.21 -1.60 4.88
C GLN A 85 -5.33 -2.67 5.94
N GLU A 86 -6.27 -3.59 5.72
CA GLU A 86 -6.57 -4.68 6.63
C GLU A 86 -6.90 -4.11 8.02
N THR A 87 -7.90 -3.23 8.02
CA THR A 87 -8.36 -2.59 9.25
C THR A 87 -9.09 -3.58 10.14
N LYS A 88 -9.80 -4.53 9.54
CA LYS A 88 -10.57 -5.52 10.27
C LYS A 88 -11.52 -4.86 11.25
N CYS A 89 -12.25 -3.84 10.78
CA CYS A 89 -13.01 -3.01 11.72
C CYS A 89 -14.15 -2.32 10.98
N SER A 90 -15.38 -2.78 11.21
CA SER A 90 -16.54 -2.17 10.59
C SER A 90 -16.65 -0.70 10.98
N GLU A 91 -17.35 0.07 10.15
CA GLU A 91 -17.39 1.52 10.35
C GLU A 91 -18.05 1.91 11.67
N ASN A 92 -18.89 1.05 12.24
CA ASN A 92 -19.53 1.35 13.52
C ASN A 92 -18.60 1.19 14.70
N LYS A 93 -17.55 0.37 14.58
CA LYS A 93 -16.68 0.07 15.71
C LYS A 93 -15.39 0.88 15.69
N LEU A 94 -15.34 1.96 14.91
CA LEU A 94 -14.11 2.73 14.78
C LEU A 94 -13.78 3.43 16.10
N PRO A 95 -12.54 3.33 16.59
CA PRO A 95 -12.19 3.93 17.87
C PRO A 95 -12.37 5.45 17.85
N ALA A 96 -12.48 6.02 19.06
CA ALA A 96 -12.70 7.44 19.19
C ALA A 96 -11.45 8.27 18.95
N GLU A 97 -10.26 7.67 19.09
CA GLU A 97 -9.03 8.42 18.94
C GLU A 97 -8.72 8.74 17.48
N LEU A 98 -9.47 8.18 16.54
CA LEU A 98 -9.32 8.57 15.14
C LEU A 98 -9.84 9.98 14.91
N GLN A 99 -10.88 10.38 15.63
CA GLN A 99 -11.39 11.74 15.59
C GLN A 99 -10.55 12.70 16.42
N GLU A 100 -9.36 12.27 16.84
CA GLU A 100 -8.44 13.10 17.62
C GLU A 100 -7.12 13.31 16.88
N LEU A 101 -7.15 13.20 15.55
CA LEU A 101 -6.00 13.49 14.70
C LEU A 101 -6.20 14.88 14.09
N PRO A 102 -5.67 15.93 14.70
CA PRO A 102 -5.96 17.30 14.24
C PRO A 102 -5.52 17.60 12.81
N GLY A 103 -4.60 16.81 12.24
CA GLY A 103 -4.12 17.06 10.90
C GLY A 103 -4.67 16.14 9.83
N LEU A 104 -5.59 15.22 10.18
CA LEU A 104 -6.14 14.23 9.24
C LEU A 104 -7.62 14.06 9.56
N THR A 105 -8.38 15.13 9.35
CA THR A 105 -9.77 15.16 9.79
C THR A 105 -10.72 14.58 8.75
N HIS A 106 -10.35 14.61 7.48
CA HIS A 106 -11.17 14.05 6.41
C HIS A 106 -10.83 12.56 6.30
N GLN A 107 -11.73 11.72 6.79
CA GLN A 107 -11.51 10.28 6.92
C GLN A 107 -12.58 9.52 6.14
N TYR A 108 -12.13 8.50 5.40
CA TYR A 108 -12.97 7.72 4.52
C TYR A 108 -12.64 6.26 4.73
N TRP A 109 -13.67 5.42 4.77
CA TRP A 109 -13.50 4.02 5.15
C TRP A 109 -14.32 3.14 4.22
N SER A 110 -13.79 1.94 4.00
CA SER A 110 -14.49 0.93 3.23
C SER A 110 -14.43 -0.38 4.00
N ALA A 111 -15.49 -1.16 3.91
CA ALA A 111 -15.63 -2.33 4.75
C ALA A 111 -16.41 -3.38 3.97
N PRO A 112 -16.22 -4.65 4.30
CA PRO A 112 -16.96 -5.71 3.60
C PRO A 112 -18.45 -5.60 3.85
N SER A 113 -19.23 -6.08 2.88
CA SER A 113 -20.68 -6.04 3.00
C SER A 113 -21.16 -6.91 4.15
N ASP A 114 -20.55 -8.09 4.31
CA ASP A 114 -20.98 -9.07 5.31
C ASP A 114 -19.92 -9.34 6.37
N LYS A 115 -18.73 -9.80 5.99
CA LYS A 115 -17.76 -10.26 6.98
C LYS A 115 -17.31 -9.10 7.88
N GLU A 116 -17.10 -9.41 9.16
CA GLU A 116 -17.00 -8.34 10.15
C GLU A 116 -15.55 -7.99 10.49
N GLY A 117 -14.73 -8.99 10.77
CA GLY A 117 -13.37 -8.68 11.17
C GLY A 117 -12.35 -9.05 10.11
N TYR A 118 -12.60 -8.62 8.87
CA TYR A 118 -11.86 -9.08 7.71
C TYR A 118 -11.67 -7.91 6.75
N SER A 119 -10.49 -7.82 6.15
CA SER A 119 -10.16 -6.86 5.10
C SER A 119 -10.43 -5.44 5.63
N GLY A 120 -10.80 -4.51 4.75
CA GLY A 120 -11.08 -3.15 5.14
C GLY A 120 -9.94 -2.20 4.88
N VAL A 121 -10.23 -1.05 4.29
CA VAL A 121 -9.20 -0.05 4.01
C VAL A 121 -9.72 1.32 4.42
N GLY A 122 -8.78 2.22 4.65
CA GLY A 122 -9.12 3.56 5.11
C GLY A 122 -8.16 4.57 4.52
N LEU A 123 -8.67 5.78 4.34
CA LEU A 123 -7.91 6.88 3.76
C LEU A 123 -8.20 8.14 4.56
N LEU A 124 -7.17 8.70 5.18
CA LEU A 124 -7.28 9.90 5.98
C LEU A 124 -6.46 10.99 5.29
N SER A 125 -6.94 12.23 5.34
CA SER A 125 -6.34 13.29 4.56
C SER A 125 -6.36 14.60 5.34
N ARG A 126 -5.30 15.39 5.14
CA ARG A 126 -5.23 16.74 5.70
C ARG A 126 -6.07 17.71 4.88
N GLN A 127 -6.08 17.57 3.56
CA GLN A 127 -6.89 18.40 2.69
C GLN A 127 -8.12 17.63 2.20
N CYS A 128 -9.09 18.40 1.70
CA CYS A 128 -10.34 17.78 1.27
C CYS A 128 -10.20 17.25 -0.16
N PRO A 129 -10.51 15.98 -0.39
CA PRO A 129 -10.51 15.46 -1.77
C PRO A 129 -11.62 16.08 -2.59
N LEU A 130 -11.40 16.13 -3.91
CA LEU A 130 -12.44 16.63 -4.81
C LEU A 130 -13.56 15.63 -4.97
N LYS A 131 -13.21 14.35 -5.12
CA LYS A 131 -14.17 13.27 -5.26
C LYS A 131 -13.60 12.06 -4.55
N VAL A 132 -14.46 11.30 -3.87
CA VAL A 132 -14.07 10.05 -3.22
C VAL A 132 -15.04 8.98 -3.69
N SER A 133 -14.49 7.91 -4.26
CA SER A 133 -15.25 6.78 -4.75
C SER A 133 -14.71 5.50 -4.12
N TYR A 134 -15.51 4.44 -4.14
CA TYR A 134 -15.16 3.18 -3.48
C TYR A 134 -15.27 2.02 -4.47
N GLY A 135 -14.32 1.07 -4.40
CA GLY A 135 -14.30 -0.09 -5.27
C GLY A 135 -13.91 0.20 -6.71
N ILE A 136 -13.87 -0.87 -7.51
CA ILE A 136 -13.30 -0.84 -8.86
C ILE A 136 -14.36 -1.00 -9.95
N GLY A 137 -15.65 -0.89 -9.60
CA GLY A 137 -16.70 -0.87 -10.59
C GLY A 137 -17.17 -2.22 -11.10
N GLU A 138 -16.85 -3.31 -10.41
CA GLU A 138 -17.38 -4.63 -10.75
C GLU A 138 -17.82 -5.31 -9.46
N GLU A 139 -19.10 -5.65 -9.37
CA GLU A 139 -19.66 -6.00 -8.07
C GLU A 139 -19.02 -7.25 -7.48
N GLU A 140 -18.52 -8.16 -8.32
CA GLU A 140 -17.86 -9.36 -7.81
C GLU A 140 -16.68 -9.03 -6.90
N HIS A 141 -15.96 -7.94 -7.16
CA HIS A 141 -14.77 -7.58 -6.41
C HIS A 141 -15.00 -6.47 -5.38
N ASP A 142 -16.23 -5.98 -5.24
CA ASP A 142 -16.52 -4.84 -4.41
C ASP A 142 -17.18 -5.21 -3.09
N GLN A 143 -17.27 -6.49 -2.78
CA GLN A 143 -17.97 -6.95 -1.59
C GLN A 143 -17.04 -7.15 -0.41
N GLU A 144 -15.79 -6.69 -0.48
CA GLU A 144 -14.86 -6.92 0.61
C GLU A 144 -14.12 -5.66 1.06
N GLY A 145 -14.50 -4.48 0.58
CA GLY A 145 -13.94 -3.24 1.10
C GLY A 145 -12.43 -3.15 0.93
N ARG A 146 -11.97 -3.13 -0.32
CA ARG A 146 -10.56 -3.24 -0.64
C ARG A 146 -9.95 -2.02 -1.32
N VAL A 147 -10.76 -1.08 -1.82
CA VAL A 147 -10.25 0.02 -2.63
C VAL A 147 -10.99 1.31 -2.32
N ILE A 148 -10.25 2.35 -2.00
CA ILE A 148 -10.77 3.72 -1.96
C ILE A 148 -10.04 4.53 -3.03
N VAL A 149 -10.79 5.35 -3.76
CA VAL A 149 -10.22 6.23 -4.78
C VAL A 149 -10.48 7.67 -4.37
N ALA A 150 -9.40 8.44 -4.18
CA ALA A 150 -9.48 9.83 -3.74
C ALA A 150 -8.86 10.72 -4.81
N GLU A 151 -9.70 11.48 -5.51
CA GLU A 151 -9.22 12.37 -6.56
C GLU A 151 -8.89 13.74 -5.98
N PHE A 152 -7.67 14.18 -6.21
CA PHE A 152 -7.22 15.50 -5.78
C PHE A 152 -7.02 16.40 -6.99
N GLU A 153 -6.41 17.56 -6.75
CA GLU A 153 -6.29 18.55 -7.81
C GLU A 153 -5.28 18.12 -8.87
N SER A 154 -4.06 17.75 -8.46
CA SER A 154 -3.01 17.45 -9.43
C SER A 154 -2.97 15.99 -9.84
N PHE A 155 -3.61 15.10 -9.09
CA PHE A 155 -3.48 13.68 -9.30
C PHE A 155 -4.67 12.99 -8.65
N VAL A 156 -4.71 11.66 -8.76
CA VAL A 156 -5.74 10.83 -8.15
C VAL A 156 -5.07 9.69 -7.42
N LEU A 157 -5.31 9.59 -6.12
CA LEU A 157 -4.72 8.55 -5.29
C LEU A 157 -5.68 7.36 -5.16
N VAL A 158 -5.11 6.16 -5.21
CA VAL A 158 -5.85 4.92 -5.04
C VAL A 158 -5.14 4.10 -4.00
N THR A 159 -5.85 3.71 -2.96
CA THR A 159 -5.28 2.79 -1.98
C THR A 159 -6.00 1.47 -2.07
N ALA A 160 -5.24 0.38 -1.97
CA ALA A 160 -5.76 -0.94 -2.28
C ALA A 160 -5.25 -1.96 -1.28
N TYR A 161 -5.94 -3.10 -1.24
CA TYR A 161 -5.59 -4.27 -0.42
C TYR A 161 -5.96 -5.48 -1.27
N VAL A 162 -5.02 -5.94 -2.07
CA VAL A 162 -5.27 -6.95 -3.10
C VAL A 162 -5.61 -8.29 -2.45
N PRO A 163 -6.57 -9.05 -2.98
CA PRO A 163 -6.93 -10.34 -2.37
C PRO A 163 -5.73 -11.30 -2.30
N ASN A 164 -5.53 -11.90 -1.13
CA ASN A 164 -4.48 -12.88 -0.92
C ASN A 164 -4.89 -14.21 -1.54
N ALA A 165 -3.99 -14.82 -2.33
CA ALA A 165 -4.29 -16.11 -2.93
C ALA A 165 -4.47 -17.20 -1.89
N GLY A 166 -3.93 -17.00 -0.69
CA GLY A 166 -4.21 -17.90 0.41
C GLY A 166 -3.36 -19.14 0.41
N ARG A 167 -3.13 -19.67 1.61
CA ARG A 167 -2.45 -20.94 1.75
C ARG A 167 -3.21 -22.01 0.97
N GLY A 168 -2.48 -22.87 0.28
CA GLY A 168 -3.10 -23.80 -0.64
C GLY A 168 -3.62 -23.19 -1.91
N LEU A 169 -3.60 -21.86 -2.05
CA LEU A 169 -3.89 -21.18 -3.30
C LEU A 169 -5.32 -21.45 -3.77
N VAL A 170 -6.26 -21.33 -2.82
CA VAL A 170 -7.67 -21.51 -3.13
C VAL A 170 -8.21 -20.33 -3.95
N ARG A 171 -7.78 -19.11 -3.63
CA ARG A 171 -8.21 -17.92 -4.34
C ARG A 171 -7.28 -17.55 -5.49
N LEU A 172 -6.36 -18.45 -5.86
CA LEU A 172 -5.42 -18.11 -6.93
C LEU A 172 -6.14 -17.83 -8.24
N GLU A 173 -7.13 -18.66 -8.59
CA GLU A 173 -7.89 -18.39 -9.80
C GLU A 173 -8.70 -17.11 -9.68
N TYR A 174 -9.35 -16.90 -8.52
CA TYR A 174 -10.05 -15.63 -8.31
C TYR A 174 -9.07 -14.46 -8.39
N ARG A 175 -7.89 -14.60 -7.76
CA ARG A 175 -6.90 -13.52 -7.76
C ARG A 175 -6.54 -13.09 -9.18
N GLN A 176 -6.45 -14.04 -10.10
CA GLN A 176 -6.13 -13.69 -11.48
C GLN A 176 -7.26 -12.90 -12.12
N ARG A 177 -8.53 -13.24 -11.81
CA ARG A 177 -9.65 -12.45 -12.31
C ARG A 177 -9.62 -11.03 -11.75
N TRP A 178 -9.26 -10.89 -10.45
CA TRP A 178 -9.15 -9.57 -9.85
C TRP A 178 -8.10 -8.72 -10.55
N ASP A 179 -6.90 -9.28 -10.73
CA ASP A 179 -5.79 -8.51 -11.28
C ASP A 179 -6.15 -7.92 -12.64
N GLU A 180 -6.78 -8.72 -13.51
CA GLU A 180 -7.18 -8.21 -14.80
C GLU A 180 -8.18 -7.06 -14.68
N ALA A 181 -9.19 -7.22 -13.82
CA ALA A 181 -10.20 -6.17 -13.68
C ALA A 181 -9.65 -4.96 -12.95
N PHE A 182 -8.71 -5.18 -12.03
CA PHE A 182 -8.09 -4.06 -11.32
C PHE A 182 -7.18 -3.26 -12.25
N ARG A 183 -6.55 -3.94 -13.20
CA ARG A 183 -5.67 -3.28 -14.16
C ARG A 183 -6.47 -2.43 -15.13
N LYS A 184 -7.59 -2.95 -15.65
CA LYS A 184 -8.42 -2.15 -16.54
C LYS A 184 -9.04 -0.98 -15.80
N PHE A 185 -9.31 -1.14 -14.51
CA PHE A 185 -9.83 -0.03 -13.73
C PHE A 185 -8.78 1.05 -13.54
N LEU A 186 -7.56 0.66 -13.20
CA LEU A 186 -6.48 1.65 -13.04
C LEU A 186 -6.13 2.29 -14.38
N LYS A 187 -6.09 1.49 -15.45
CA LYS A 187 -5.73 2.03 -16.75
C LYS A 187 -6.68 3.14 -17.17
N ASP A 188 -7.96 3.03 -16.78
CA ASP A 188 -8.93 4.05 -17.14
C ASP A 188 -8.81 5.30 -16.30
N LEU A 189 -8.40 5.16 -15.02
CA LEU A 189 -8.20 6.34 -14.19
C LEU A 189 -7.04 7.17 -14.70
N ALA A 190 -5.89 6.51 -14.96
CA ALA A 190 -4.72 7.21 -15.46
C ALA A 190 -4.96 7.81 -16.84
N SER A 191 -5.96 7.31 -17.56
CA SER A 191 -6.29 7.88 -18.86
C SER A 191 -6.64 9.35 -18.74
N ARG A 192 -7.21 9.77 -17.61
CA ARG A 192 -7.65 11.15 -17.44
C ARG A 192 -6.87 11.94 -16.39
N LYS A 193 -6.11 11.26 -15.52
CA LYS A 193 -5.39 12.00 -14.50
C LYS A 193 -4.17 11.21 -14.04
N PRO A 194 -3.06 11.87 -13.71
CA PRO A 194 -1.91 11.17 -13.11
C PRO A 194 -2.34 10.39 -11.88
N LEU A 195 -1.78 9.19 -11.73
CA LEU A 195 -2.25 8.21 -10.75
C LEU A 195 -1.13 7.82 -9.80
N VAL A 196 -1.51 7.59 -8.53
CA VAL A 196 -0.63 7.04 -7.48
C VAL A 196 -1.37 5.88 -6.83
N LEU A 197 -0.90 4.66 -7.04
CA LEU A 197 -1.44 3.49 -6.37
C LEU A 197 -0.57 3.15 -5.16
N CYS A 198 -1.21 2.71 -4.09
CA CYS A 198 -0.50 2.49 -2.84
C CYS A 198 -1.23 1.45 -2.01
N GLY A 199 -0.48 0.77 -1.15
CA GLY A 199 -1.05 -0.20 -0.24
C GLY A 199 -0.45 -1.58 -0.41
N ASP A 200 -1.08 -2.57 0.25
CA ASP A 200 -0.65 -3.96 0.20
C ASP A 200 -1.09 -4.56 -1.13
N LEU A 201 -0.15 -4.82 -2.03
CA LEU A 201 -0.48 -5.41 -3.32
C LEU A 201 -0.34 -6.93 -3.34
N ASN A 202 0.11 -7.53 -2.23
CA ASN A 202 0.15 -8.98 -2.00
C ASN A 202 0.86 -9.72 -3.13
N VAL A 203 2.02 -9.20 -3.51
CA VAL A 203 2.91 -9.88 -4.45
C VAL A 203 4.31 -9.32 -4.29
N ALA A 204 5.31 -10.19 -4.23
CA ALA A 204 6.70 -9.79 -4.35
C ALA A 204 7.06 -9.84 -5.84
N HIS A 205 7.33 -8.69 -6.43
CA HIS A 205 7.53 -8.61 -7.88
C HIS A 205 8.66 -9.53 -8.32
N GLU A 206 9.86 -9.30 -7.82
CA GLU A 206 11.05 -9.99 -8.29
C GLU A 206 11.73 -10.75 -7.15
N GLU A 207 12.79 -11.50 -7.49
CA GLU A 207 13.49 -12.29 -6.49
C GLU A 207 14.08 -11.43 -5.38
N ILE A 208 14.41 -10.17 -5.69
CA ILE A 208 15.01 -9.28 -4.71
C ILE A 208 13.99 -8.82 -3.68
N ASP A 209 12.71 -9.00 -3.96
CA ASP A 209 11.62 -8.45 -3.15
C ASP A 209 11.19 -9.37 -2.02
N LEU A 210 11.92 -10.46 -1.78
CA LEU A 210 11.63 -11.32 -0.64
C LEU A 210 12.90 -12.05 -0.25
N ARG A 211 12.94 -12.53 1.01
CA ARG A 211 14.19 -13.09 1.51
C ARG A 211 14.45 -14.47 0.94
N ASN A 212 13.43 -15.31 0.83
CA ASN A 212 13.59 -16.71 0.44
C ASN A 212 12.88 -16.97 -0.89
N PRO A 213 13.46 -16.51 -2.03
CA PRO A 213 12.75 -16.62 -3.31
C PRO A 213 12.47 -18.05 -3.75
N LYS A 214 13.46 -18.93 -3.65
CA LYS A 214 13.32 -20.25 -4.25
C LYS A 214 12.20 -21.05 -3.60
N GLY A 215 12.16 -21.09 -2.27
CA GLY A 215 11.19 -21.89 -1.57
C GLY A 215 9.78 -21.37 -1.57
N ASN A 216 9.50 -20.30 -2.33
CA ASN A 216 8.19 -19.67 -2.29
C ASN A 216 7.60 -19.52 -3.69
N LYS A 217 8.16 -20.21 -4.69
CA LYS A 217 7.59 -20.14 -6.03
C LYS A 217 6.20 -20.77 -6.12
N LYS A 218 5.80 -21.58 -5.13
CA LYS A 218 4.47 -22.18 -5.14
C LYS A 218 3.61 -21.71 -3.97
N ASN A 219 3.94 -20.58 -3.36
CA ASN A 219 3.20 -20.03 -2.22
C ASN A 219 2.55 -18.71 -2.59
N ALA A 220 1.46 -18.41 -1.90
CA ALA A 220 0.78 -17.14 -2.13
C ALA A 220 1.73 -15.98 -1.92
N GLY A 221 1.87 -15.14 -2.94
CA GLY A 221 2.71 -13.96 -2.90
C GLY A 221 3.86 -13.97 -3.88
N PHE A 222 4.27 -15.14 -4.36
CA PHE A 222 5.41 -15.27 -5.27
C PHE A 222 5.16 -16.38 -6.27
N THR A 223 3.92 -16.51 -6.71
CA THR A 223 3.60 -17.45 -7.78
C THR A 223 3.85 -16.81 -9.13
N PRO A 224 4.15 -17.61 -10.15
CA PRO A 224 4.27 -17.07 -11.52
C PRO A 224 3.10 -16.20 -11.93
N GLN A 225 1.87 -16.64 -11.64
CA GLN A 225 0.68 -15.89 -12.06
C GLN A 225 0.59 -14.55 -11.34
N GLU A 226 0.85 -14.52 -10.04
CA GLU A 226 0.81 -13.26 -9.32
C GLU A 226 1.88 -12.29 -9.82
N ARG A 227 3.08 -12.82 -10.09
CA ARG A 227 4.18 -11.96 -10.51
C ARG A 227 3.97 -11.46 -11.94
N GLN A 228 3.49 -12.32 -12.83
CA GLN A 228 3.13 -11.89 -14.17
C GLN A 228 2.05 -10.81 -14.11
N GLY A 229 1.10 -10.95 -13.17
CA GLY A 229 0.05 -9.96 -13.03
C GLY A 229 0.56 -8.60 -12.63
N PHE A 230 1.46 -8.56 -11.63
CA PHE A 230 2.10 -7.30 -11.27
C PHE A 230 2.85 -6.70 -12.45
N GLY A 231 3.53 -7.55 -13.23
CA GLY A 231 4.20 -7.06 -14.42
C GLY A 231 3.25 -6.47 -15.44
N GLU A 232 2.13 -7.18 -15.70
CA GLU A 232 1.14 -6.66 -16.64
C GLU A 232 0.56 -5.34 -16.15
N LEU A 233 0.55 -5.12 -14.84
CA LEU A 233 0.03 -3.87 -14.31
C LEU A 233 0.94 -2.71 -14.67
N LEU A 234 2.25 -2.83 -14.37
CA LEU A 234 3.20 -1.77 -14.70
C LEU A 234 3.18 -1.41 -16.18
N GLN A 235 2.93 -2.39 -17.05
CA GLN A 235 3.01 -2.19 -18.49
C GLN A 235 1.72 -1.62 -19.08
N ALA A 236 0.59 -1.77 -18.41
CA ALA A 236 -0.69 -1.51 -19.06
C ALA A 236 -1.26 -0.12 -18.78
N VAL A 237 -1.07 0.42 -17.58
CA VAL A 237 -1.80 1.65 -17.27
C VAL A 237 -1.10 2.86 -17.86
N PRO A 238 0.24 3.03 -17.73
CA PRO A 238 1.34 2.32 -17.07
C PRO A 238 1.76 2.93 -15.73
N LEU A 239 2.56 2.18 -14.97
CA LEU A 239 3.01 2.61 -13.65
C LEU A 239 4.47 2.22 -13.44
N ALA A 240 5.09 2.84 -12.44
CA ALA A 240 6.48 2.58 -12.05
C ALA A 240 6.55 2.32 -10.54
N ASP A 241 7.28 1.28 -10.15
CA ASP A 241 7.55 1.03 -8.74
C ASP A 241 8.50 2.09 -8.22
N SER A 242 7.99 2.99 -7.35
CA SER A 242 8.80 4.09 -6.84
C SER A 242 10.09 3.61 -6.22
N PHE A 243 10.00 2.65 -5.29
CA PHE A 243 11.19 2.17 -4.60
C PHE A 243 12.23 1.65 -5.58
N ARG A 244 11.82 0.80 -6.53
CA ARG A 244 12.80 0.26 -7.47
C ARG A 244 13.31 1.32 -8.43
N HIS A 245 12.55 2.40 -8.67
CA HIS A 245 13.03 3.45 -9.55
C HIS A 245 14.19 4.22 -8.91
N LEU A 246 14.21 4.32 -7.59
CA LEU A 246 15.27 5.01 -6.87
C LEU A 246 16.33 4.06 -6.34
N TYR A 247 15.98 2.81 -6.10
CA TYR A 247 16.89 1.81 -5.54
C TYR A 247 16.69 0.51 -6.29
N PRO A 248 17.09 0.45 -7.56
CA PRO A 248 16.83 -0.76 -8.38
C PRO A 248 17.57 -1.98 -7.90
N ASN A 249 18.60 -1.82 -7.07
CA ASN A 249 19.44 -2.94 -6.68
C ASN A 249 19.52 -3.13 -5.17
N THR A 250 18.71 -2.41 -4.39
CA THR A 250 18.72 -2.56 -2.94
C THR A 250 17.96 -3.83 -2.52
N ALA A 251 18.66 -4.79 -1.95
CA ALA A 251 18.04 -6.02 -1.49
C ALA A 251 17.78 -5.98 0.00
N TYR A 252 17.02 -6.98 0.47
CA TYR A 252 16.76 -7.17 1.90
C TYR A 252 15.88 -6.08 2.49
N ALA A 253 15.16 -5.35 1.64
CA ALA A 253 14.30 -4.25 2.05
C ALA A 253 12.85 -4.75 1.98
N TYR A 254 12.30 -5.12 3.12
CA TYR A 254 10.98 -5.71 3.17
C TYR A 254 9.99 -4.81 3.91
N THR A 255 8.70 -5.04 3.66
CA THR A 255 7.63 -4.36 4.38
C THR A 255 6.78 -5.30 5.22
N PHE A 256 6.84 -6.60 4.98
CA PHE A 256 6.02 -7.56 5.71
C PHE A 256 6.91 -8.66 6.29
N TRP A 257 6.61 -9.05 7.53
CA TRP A 257 7.28 -10.18 8.17
C TRP A 257 6.23 -11.03 8.86
N THR A 258 6.24 -12.32 8.57
CA THR A 258 5.36 -13.26 9.23
C THR A 258 5.55 -13.18 10.74
N TYR A 259 4.44 -13.25 11.48
CA TYR A 259 4.51 -13.17 12.94
C TYR A 259 5.22 -14.39 13.51
N MET A 260 5.15 -15.51 12.81
CA MET A 260 5.73 -16.77 13.24
C MET A 260 7.22 -16.84 12.89
N MET A 261 7.89 -17.84 13.49
CA MET A 261 9.28 -18.18 13.23
C MET A 261 10.23 -17.00 13.45
N ASN A 262 9.84 -16.06 14.32
CA ASN A 262 10.63 -14.87 14.58
C ASN A 262 11.12 -14.21 13.30
N ALA A 263 10.23 -14.16 12.31
CA ALA A 263 10.61 -13.73 10.97
C ALA A 263 11.16 -12.30 10.96
N ARG A 264 10.58 -11.41 11.75
CA ARG A 264 10.97 -10.01 11.66
C ARG A 264 12.32 -9.78 12.32
N SER A 265 12.61 -10.43 13.45
CA SER A 265 13.92 -10.22 14.06
C SER A 265 15.04 -10.80 13.19
N LYS A 266 14.71 -11.72 12.28
CA LYS A 266 15.69 -12.27 11.36
C LYS A 266 15.60 -11.64 9.96
N ASN A 267 14.76 -10.62 9.79
CA ASN A 267 14.55 -9.96 8.51
C ASN A 267 14.24 -10.97 7.41
N VAL A 268 13.52 -12.03 7.76
CA VAL A 268 12.97 -12.96 6.75
C VAL A 268 11.64 -12.34 6.32
N GLY A 269 11.67 -11.48 5.31
CA GLY A 269 10.52 -10.70 4.94
C GLY A 269 10.10 -10.72 3.48
N TRP A 270 9.12 -9.88 3.13
CA TRP A 270 8.56 -9.74 1.79
C TRP A 270 8.28 -8.27 1.56
N ARG A 271 8.51 -7.80 0.34
CA ARG A 271 8.09 -6.43 0.00
C ARG A 271 6.76 -6.54 -0.72
N LEU A 272 5.67 -6.39 0.03
CA LEU A 272 4.33 -6.44 -0.51
C LEU A 272 3.63 -5.09 -0.55
N ASP A 273 4.23 -4.03 0.01
CA ASP A 273 3.62 -2.72 0.10
C ASP A 273 4.36 -1.73 -0.79
N TYR A 274 3.63 -1.05 -1.67
CA TYR A 274 4.21 -0.33 -2.80
C TYR A 274 3.71 1.11 -2.89
N PHE A 275 4.27 1.82 -3.86
CA PHE A 275 3.84 3.15 -4.30
C PHE A 275 4.12 3.16 -5.80
N LEU A 276 3.08 2.98 -6.61
CA LEU A 276 3.23 2.98 -8.07
C LEU A 276 2.73 4.31 -8.62
N LEU A 277 3.55 4.96 -9.45
CA LEU A 277 3.23 6.27 -9.99
C LEU A 277 3.05 6.20 -11.49
N SER A 278 2.21 7.08 -12.02
CA SER A 278 2.18 7.33 -13.46
C SER A 278 3.52 7.86 -13.91
N HIS A 279 3.91 7.50 -15.15
CA HIS A 279 5.21 7.93 -15.64
C HIS A 279 5.35 9.46 -15.57
N SER A 280 4.27 10.20 -15.82
CA SER A 280 4.32 11.66 -15.80
C SER A 280 4.66 12.23 -14.43
N LEU A 281 4.50 11.45 -13.36
CA LEU A 281 4.76 11.93 -12.01
C LEU A 281 6.19 11.69 -11.54
N LEU A 282 7.00 11.00 -12.33
CA LEU A 282 8.37 10.69 -11.88
C LEU A 282 9.24 11.93 -11.69
N PRO A 283 9.15 12.98 -12.51
CA PRO A 283 9.90 14.21 -12.20
C PRO A 283 9.52 14.84 -10.87
N ALA A 284 8.40 14.44 -10.27
CA ALA A 284 8.01 14.95 -8.97
C ALA A 284 8.47 14.08 -7.82
N LEU A 285 8.80 12.81 -8.10
CA LEU A 285 9.23 11.89 -7.05
C LEU A 285 10.50 12.37 -6.37
N CYS A 286 10.45 12.47 -5.04
CA CYS A 286 11.61 12.81 -4.23
C CYS A 286 12.21 11.60 -3.51
N ASP A 287 11.36 10.79 -2.89
CA ASP A 287 11.87 9.61 -2.22
C ASP A 287 10.72 8.66 -1.92
N SER A 288 11.02 7.38 -1.93
CA SER A 288 10.09 6.34 -1.51
C SER A 288 10.76 5.59 -0.38
N LYS A 289 10.13 5.58 0.79
CA LYS A 289 10.79 5.13 2.02
C LYS A 289 10.14 3.88 2.57
N ILE A 290 10.87 3.21 3.46
CA ILE A 290 10.39 2.02 4.16
C ILE A 290 10.79 2.17 5.62
N ARG A 291 9.80 2.36 6.50
CA ARG A 291 10.07 2.53 7.92
C ARG A 291 10.15 1.16 8.57
N SER A 292 11.33 0.55 8.48
CA SER A 292 11.50 -0.84 8.89
C SER A 292 11.34 -1.05 10.39
N LYS A 293 11.41 0.02 11.18
CA LYS A 293 11.48 -0.09 12.63
C LYS A 293 10.14 0.16 13.33
N ALA A 294 9.11 0.60 12.61
CA ALA A 294 7.85 0.98 13.24
C ALA A 294 7.01 -0.25 13.55
N LEU A 295 6.57 -0.37 14.81
CA LEU A 295 5.90 -1.56 15.31
C LEU A 295 4.38 -1.40 15.28
N GLY A 296 3.68 -2.41 15.78
CA GLY A 296 2.23 -2.40 15.86
C GLY A 296 1.55 -3.29 14.87
N SER A 297 2.31 -4.03 14.05
CA SER A 297 1.72 -4.80 12.98
C SER A 297 2.78 -5.70 12.39
N ASP A 298 2.32 -6.75 11.70
CA ASP A 298 3.25 -7.58 10.95
C ASP A 298 3.62 -6.95 9.62
N HIS A 299 3.08 -5.77 9.29
CA HIS A 299 3.63 -4.92 8.25
C HIS A 299 4.25 -3.68 8.88
N CYS A 300 5.06 -3.00 8.09
CA CYS A 300 5.60 -1.70 8.47
C CYS A 300 5.10 -0.63 7.51
N PRO A 301 5.12 0.64 7.93
CA PRO A 301 4.64 1.70 7.05
C PRO A 301 5.64 2.02 5.95
N ILE A 302 5.10 2.58 4.86
CA ILE A 302 5.89 3.09 3.74
C ILE A 302 5.46 4.53 3.48
N THR A 303 6.42 5.38 3.09
CA THR A 303 6.19 6.81 2.94
C THR A 303 6.68 7.27 1.57
N LEU A 304 5.98 8.22 0.99
CA LEU A 304 6.29 8.74 -0.33
C LEU A 304 6.37 10.25 -0.29
N TYR A 305 7.43 10.83 -0.85
CA TYR A 305 7.60 12.27 -0.92
C TYR A 305 7.47 12.73 -2.36
N LEU A 306 6.51 13.62 -2.63
CA LEU A 306 6.33 14.17 -3.97
C LEU A 306 6.43 15.68 -3.93
N ALA A 307 6.69 16.27 -5.10
CA ALA A 307 6.86 17.71 -5.26
C ALA A 307 5.87 18.22 -6.31
N LEU A 308 4.64 18.52 -5.88
CA LEU A 308 3.60 19.06 -6.76
C LEU A 308 3.50 20.58 -6.69
#